data_4R9X
#
_entry.id   4R9X
#
_cell.length_a   58.335
_cell.length_b   58.335
_cell.length_c   118.967
_cell.angle_alpha   90.00
_cell.angle_beta   90.00
_cell.angle_gamma   120.00
#
_symmetry.space_group_name_H-M   'P 31'
#
loop_
_entity.id
_entity.type
_entity.pdbx_description
1 polymer 'Copper homeostasis protein CutC'
2 non-polymer 'TRIETHYLENE GLYCOL'
3 non-polymer 'CALCIUM ION'
4 non-polymer GLYCEROL
5 non-polymer 1,2-ETHANEDIOL
6 water water
#
_entity_poly.entity_id   1
_entity_poly.type   'polypeptide(L)'
_entity_poly.pdbx_seq_one_letter_code
;(MSE)LEVIATCLEDVKRIERAGGKRIELISSYTEGGLTPSYAFIKKAVEAVQIPIHV(MSE)IRPHAKSFTYTEEEIE
(MSE)(MSE)KEDIVVAQKLGVAGVVLGVLNERNEVAEEKLADLLSVVDGINVTYHRAIDDIENPVEA(MSE)RTLKKFH
KVTHVLTSGGQGNIVDNIPVLTD(MSE)QKISDGQIQLVVGAGVTKENIKQLLNETGISQAHVGTAVREGKSCFAEIDLN
LVQELVQIIQAGENLYFQ
;
_entity_poly.pdbx_strand_id   A,B
#
# COMPACT_ATOMS: atom_id res chain seq x y z
N LEU A 2 -8.87 12.86 -0.74
CA LEU A 2 -10.06 13.20 0.01
C LEU A 2 -10.44 12.05 0.94
N GLU A 3 -10.38 12.32 2.26
CA GLU A 3 -10.89 11.38 3.25
C GLU A 3 -12.32 11.74 3.58
N VAL A 4 -13.20 10.75 3.56
CA VAL A 4 -14.62 11.00 3.73
C VAL A 4 -15.21 10.17 4.86
N ILE A 5 -15.98 10.83 5.71
CA ILE A 5 -16.66 10.15 6.81
C ILE A 5 -17.77 9.24 6.30
N ALA A 6 -17.81 8.02 6.82
CA ALA A 6 -18.94 7.11 6.62
C ALA A 6 -19.56 6.76 7.99
N THR A 7 -20.89 6.77 8.06
CA THR A 7 -21.61 6.40 9.30
C THR A 7 -22.49 5.17 9.06
N CYS A 8 -22.48 4.71 7.83
CA CYS A 8 -23.31 3.58 7.45
C CYS A 8 -22.68 2.94 6.24
N LEU A 9 -23.14 1.73 5.91
CA LEU A 9 -22.55 0.99 4.80
C LEU A 9 -22.70 1.70 3.46
N GLU A 10 -23.85 2.32 3.25
CA GLU A 10 -24.08 2.96 1.97
C GLU A 10 -23.14 4.17 1.79
N ASP A 11 -22.83 4.87 2.88
CA ASP A 11 -21.78 5.89 2.82
C ASP A 11 -20.49 5.26 2.34
N VAL A 12 -20.16 4.11 2.92
CA VAL A 12 -18.94 3.40 2.57
C VAL A 12 -18.89 3.14 1.08
N LYS A 13 -19.97 2.55 0.57
CA LYS A 13 -20.09 2.22 -0.84
C LYS A 13 -20.03 3.45 -1.74
N ARG A 14 -20.70 4.51 -1.34
CA ARG A 14 -20.83 5.70 -2.18
C ARG A 14 -19.56 6.51 -2.27
N ILE A 15 -18.78 6.52 -1.19
CA ILE A 15 -17.49 7.23 -1.19
C ILE A 15 -16.57 6.57 -2.20
N GLU A 16 -16.58 5.25 -2.24
CA GLU A 16 -15.75 4.56 -3.21
C GLU A 16 -16.27 4.83 -4.63
N ARG A 17 -17.59 4.74 -4.81
N ARG A 17 -17.59 4.75 -4.80
CA ARG A 17 -18.19 4.99 -6.12
CA ARG A 17 -18.22 4.99 -6.09
C ARG A 17 -17.93 6.40 -6.62
C ARG A 17 -17.95 6.40 -6.60
N ALA A 18 -17.73 7.33 -5.69
CA ALA A 18 -17.53 8.73 -6.06
C ALA A 18 -16.06 9.10 -6.22
N GLY A 19 -15.17 8.12 -6.10
CA GLY A 19 -13.77 8.38 -6.32
C GLY A 19 -12.98 8.75 -5.08
N GLY A 20 -13.66 8.81 -3.93
CA GLY A 20 -12.96 8.96 -2.67
C GLY A 20 -12.04 7.77 -2.48
N LYS A 21 -10.86 8.00 -1.91
CA LYS A 21 -9.88 6.94 -1.82
C LYS A 21 -9.56 6.55 -0.37
N ARG A 22 -10.34 7.09 0.57
N ARG A 22 -10.25 7.17 0.58
CA ARG A 22 -10.22 6.69 1.97
CA ARG A 22 -10.20 6.76 1.98
C ARG A 22 -11.48 7.05 2.76
C ARG A 22 -11.52 7.04 2.75
N ILE A 23 -11.77 6.24 3.77
CA ILE A 23 -12.92 6.39 4.64
C ILE A 23 -12.51 6.51 6.11
N GLU A 24 -13.04 7.51 6.81
CA GLU A 24 -13.01 7.44 8.25
C GLU A 24 -14.31 6.80 8.67
N LEU A 25 -14.18 5.66 9.33
CA LEU A 25 -15.33 4.90 9.77
C LEU A 25 -15.69 5.22 11.20
N ILE A 26 -16.86 5.82 11.38
CA ILE A 26 -17.35 6.21 12.69
C ILE A 26 -18.83 5.89 12.86
N SER A 27 -19.30 5.94 14.10
N SER A 27 -19.27 5.93 14.11
CA SER A 27 -20.71 6.03 14.36
CA SER A 27 -20.68 6.01 14.43
C SER A 27 -20.92 7.33 15.12
C SER A 27 -20.89 7.37 15.10
N SER A 28 -22.08 7.94 14.93
CA SER A 28 -22.43 9.21 15.55
C SER A 28 -21.54 10.39 15.13
N TYR A 29 -21.86 10.93 13.97
CA TYR A 29 -21.28 12.18 13.50
C TYR A 29 -21.51 13.28 14.52
N THR A 30 -22.65 13.18 15.20
CA THR A 30 -23.07 14.22 16.13
C THR A 30 -22.05 14.49 17.22
N GLU A 31 -21.44 13.42 17.71
CA GLU A 31 -20.55 13.51 18.86
C GLU A 31 -19.10 13.44 18.41
N GLY A 32 -18.86 13.72 17.14
CA GLY A 32 -17.50 13.78 16.63
C GLY A 32 -17.00 12.44 16.14
N GLY A 33 -17.81 11.40 16.31
CA GLY A 33 -17.44 10.04 15.92
C GLY A 33 -16.91 9.17 17.05
N LEU A 34 -17.50 7.99 17.20
CA LEU A 34 -17.11 7.03 18.22
C LEU A 34 -16.75 5.69 17.57
N THR A 35 -16.20 4.76 18.33
CA THR A 35 -15.84 3.45 17.79
C THR A 35 -17.08 2.70 17.31
N PRO A 36 -17.09 2.28 16.04
CA PRO A 36 -18.27 1.56 15.54
C PRO A 36 -18.30 0.10 15.99
N SER A 37 -19.42 -0.59 15.75
CA SER A 37 -19.55 -1.99 16.15
C SER A 37 -18.65 -2.91 15.33
N TYR A 38 -18.38 -4.08 15.90
CA TYR A 38 -17.66 -5.16 15.24
C TYR A 38 -18.13 -5.40 13.80
N ALA A 39 -19.44 -5.57 13.62
CA ALA A 39 -19.93 -5.95 12.31
C ALA A 39 -19.88 -4.81 11.30
N PHE A 40 -20.01 -3.56 11.75
CA PHE A 40 -19.91 -2.43 10.83
C PHE A 40 -18.48 -2.32 10.32
N ILE A 41 -17.51 -2.47 11.21
CA ILE A 41 -16.12 -2.55 10.79
C ILE A 41 -15.87 -3.65 9.78
N LYS A 42 -16.32 -4.87 10.07
CA LYS A 42 -16.04 -6.00 9.19
C LYS A 42 -16.73 -5.85 7.83
N LYS A 43 -17.98 -5.44 7.84
CA LYS A 43 -18.72 -5.31 6.60
C LYS A 43 -18.25 -4.13 5.78
N ALA A 44 -17.82 -3.05 6.41
CA ALA A 44 -17.30 -1.92 5.63
C ALA A 44 -16.00 -2.27 4.89
N VAL A 45 -15.07 -2.87 5.62
CA VAL A 45 -13.82 -3.31 5.04
C VAL A 45 -14.08 -4.30 3.92
N GLU A 46 -15.02 -5.21 4.12
CA GLU A 46 -15.31 -6.16 3.05
C GLU A 46 -15.85 -5.46 1.82
N ALA A 47 -16.70 -4.47 2.04
CA ALA A 47 -17.55 -3.91 0.99
C ALA A 47 -16.82 -3.09 -0.06
N VAL A 48 -15.65 -2.55 0.28
CA VAL A 48 -14.96 -1.67 -0.66
C VAL A 48 -13.47 -1.97 -0.72
N GLN A 49 -12.84 -1.54 -1.81
CA GLN A 49 -11.42 -1.79 -2.04
C GLN A 49 -10.53 -0.60 -1.69
N ILE A 50 -11.12 0.43 -1.10
CA ILE A 50 -10.34 1.55 -0.63
C ILE A 50 -10.14 1.40 0.87
N PRO A 51 -8.99 1.89 1.37
CA PRO A 51 -8.64 1.68 2.77
C PRO A 51 -9.63 2.31 3.74
N ILE A 52 -9.84 1.67 4.89
CA ILE A 52 -10.68 2.19 5.96
C ILE A 52 -9.83 2.66 7.14
N HIS A 53 -9.99 3.91 7.55
CA HIS A 53 -9.47 4.38 8.85
C HIS A 53 -10.61 4.41 9.84
N VAL A 54 -10.54 3.59 10.88
CA VAL A 54 -11.66 3.46 11.80
C VAL A 54 -11.42 4.24 13.08
N ILE A 56 -11.23 4.99 16.91
CA ILE A 56 -11.07 4.28 18.17
C ILE A 56 -11.26 5.33 19.24
N ARG A 57 -12.52 5.51 19.62
CA ARG A 57 -12.90 6.58 20.51
C ARG A 57 -14.13 6.10 21.24
N PRO A 58 -13.96 5.83 22.54
CA PRO A 58 -15.01 5.17 23.34
C PRO A 58 -16.24 6.05 23.65
N HIS A 59 -16.07 7.37 23.71
CA HIS A 59 -17.16 8.29 23.91
C HIS A 59 -16.61 9.67 23.61
N ALA A 60 -17.41 10.70 23.81
CA ALA A 60 -16.99 12.06 23.51
C ALA A 60 -17.03 12.96 24.72
N LYS A 61 -16.92 12.40 25.92
CA LYS A 61 -16.97 13.24 27.10
C LYS A 61 -15.61 13.93 27.26
N SER A 62 -14.58 13.29 26.75
CA SER A 62 -13.22 13.69 27.06
C SER A 62 -12.23 13.00 26.14
N PHE A 63 -11.00 13.48 26.09
CA PHE A 63 -9.95 12.70 25.45
C PHE A 63 -8.97 12.21 26.48
N THR A 64 -9.36 12.32 27.74
CA THR A 64 -8.61 11.70 28.81
C THR A 64 -9.33 10.41 29.18
N TYR A 65 -8.69 9.29 28.92
CA TYR A 65 -9.30 7.97 29.11
C TYR A 65 -8.79 7.32 30.39
N THR A 66 -9.65 6.53 31.03
CA THR A 66 -9.23 5.73 32.17
C THR A 66 -8.32 4.63 31.66
N GLU A 67 -7.58 3.99 32.57
CA GLU A 67 -6.67 2.94 32.15
C GLU A 67 -7.43 1.76 31.55
N GLU A 68 -8.62 1.50 32.07
CA GLU A 68 -9.45 0.46 31.53
C GLU A 68 -9.98 0.85 30.17
N GLU A 69 -10.25 2.14 29.98
CA GLU A 69 -10.67 2.57 28.65
C GLU A 69 -9.53 2.44 27.66
N ILE A 70 -8.32 2.70 28.11
CA ILE A 70 -7.14 2.45 27.29
C ILE A 70 -7.15 0.99 26.88
N GLU A 71 -7.37 0.10 27.83
CA GLU A 71 -7.34 -1.31 27.52
C GLU A 71 -8.49 -1.72 26.60
N LYS A 74 -7.28 -0.58 23.30
CA LYS A 74 -6.31 -1.55 22.81
C LYS A 74 -7.05 -2.75 22.17
N GLU A 75 -7.99 -3.33 22.89
CA GLU A 75 -8.69 -4.50 22.36
C GLU A 75 -9.46 -4.17 21.09
N ASP A 76 -10.03 -2.97 21.00
CA ASP A 76 -10.74 -2.60 19.78
C ASP A 76 -9.75 -2.43 18.61
N ILE A 77 -8.52 -2.01 18.91
CA ILE A 77 -7.49 -1.88 17.87
C ILE A 77 -7.12 -3.27 17.32
N VAL A 78 -6.86 -4.20 18.23
CA VAL A 78 -6.60 -5.57 17.86
C VAL A 78 -7.75 -6.17 17.06
N VAL A 79 -8.99 -5.91 17.49
CA VAL A 79 -10.16 -6.40 16.76
C VAL A 79 -10.22 -5.84 15.33
N ALA A 80 -10.10 -4.51 15.21
CA ALA A 80 -10.19 -3.82 13.93
C ALA A 80 -9.06 -4.22 13.00
N GLN A 81 -7.89 -4.45 13.57
CA GLN A 81 -6.78 -4.93 12.78
C GLN A 81 -7.10 -6.30 12.17
N LYS A 82 -7.59 -7.21 12.99
CA LYS A 82 -7.91 -8.54 12.52
C LYS A 82 -9.01 -8.47 11.47
N LEU A 83 -9.87 -7.43 11.55
CA LEU A 83 -10.91 -7.23 10.55
C LEU A 83 -10.40 -6.46 9.35
N GLY A 84 -9.11 -6.17 9.36
CA GLY A 84 -8.46 -5.63 8.18
C GLY A 84 -8.64 -4.16 7.88
N VAL A 85 -8.87 -3.32 8.89
CA VAL A 85 -8.89 -1.90 8.60
C VAL A 85 -7.51 -1.49 8.11
N ALA A 86 -7.41 -0.34 7.47
CA ALA A 86 -6.10 0.13 7.05
C ALA A 86 -5.44 1.01 8.12
N GLY A 87 -6.23 1.63 8.97
CA GLY A 87 -5.68 2.47 10.01
C GLY A 87 -6.66 2.71 11.14
N VAL A 88 -6.15 3.11 12.29
CA VAL A 88 -6.98 3.48 13.41
C VAL A 88 -6.85 4.99 13.66
N VAL A 89 -7.92 5.57 14.17
CA VAL A 89 -8.00 7.00 14.36
C VAL A 89 -8.21 7.18 15.85
N LEU A 90 -7.22 7.74 16.53
CA LEU A 90 -7.27 7.79 17.99
C LEU A 90 -6.52 9.01 18.50
N GLY A 91 -6.84 9.47 19.70
CA GLY A 91 -6.09 10.55 20.30
C GLY A 91 -6.28 10.57 21.79
N VAL A 92 -5.23 10.88 22.54
CA VAL A 92 -5.30 10.85 23.99
C VAL A 92 -4.53 12.03 24.61
N LEU A 93 -5.14 12.67 25.60
CA LEU A 93 -4.50 13.79 26.28
C LEU A 93 -4.30 13.51 27.76
N ASN A 94 -3.43 14.29 28.38
CA ASN A 94 -3.23 14.22 29.82
C ASN A 94 -3.77 15.41 30.56
N GLU A 95 -3.23 15.62 31.75
CA GLU A 95 -3.62 16.69 32.66
C GLU A 95 -3.20 18.06 32.16
N ARG A 96 -2.01 18.11 31.56
CA ARG A 96 -1.49 19.36 31.02
C ARG A 96 -2.23 19.77 29.75
N ASN A 97 -3.13 18.91 29.28
CA ASN A 97 -3.71 18.99 27.92
C ASN A 97 -2.63 18.88 26.87
N GLU A 98 -1.71 17.97 27.12
CA GLU A 98 -0.72 17.58 26.13
C GLU A 98 -0.85 16.10 25.86
N VAL A 99 -0.17 15.62 24.82
CA VAL A 99 -0.21 14.22 24.43
C VAL A 99 0.08 13.30 25.60
N ALA A 100 -0.87 12.44 25.93
CA ALA A 100 -0.70 11.52 27.04
C ALA A 100 0.24 10.43 26.59
N GLU A 101 1.54 10.68 26.78
CA GLU A 101 2.57 9.89 26.12
C GLU A 101 2.64 8.45 26.64
N GLU A 102 2.45 8.23 27.93
CA GLU A 102 2.43 6.84 28.40
C GLU A 102 1.18 6.14 27.92
N LYS A 103 0.08 6.88 27.89
CA LYS A 103 -1.19 6.30 27.46
C LYS A 103 -1.13 6.09 25.96
N LEU A 104 -0.61 7.08 25.25
CA LEU A 104 -0.42 6.94 23.82
C LEU A 104 0.46 5.73 23.48
N ALA A 105 1.56 5.59 24.21
CA ALA A 105 2.46 4.47 23.99
C ALA A 105 1.73 3.14 24.16
N ASP A 106 0.97 3.06 25.24
CA ASP A 106 0.21 1.85 25.57
C ASP A 106 -0.71 1.47 24.42
N LEU A 107 -1.43 2.46 23.90
CA LEU A 107 -2.33 2.25 22.78
C LEU A 107 -1.58 1.73 21.55
N LEU A 108 -0.41 2.28 21.31
CA LEU A 108 0.37 1.96 20.10
C LEU A 108 1.02 0.60 20.23
N SER A 109 1.09 0.08 21.45
N SER A 109 1.05 0.06 21.44
CA SER A 109 1.75 -1.19 21.69
CA SER A 109 1.76 -1.18 21.72
C SER A 109 1.20 -2.32 20.83
C SER A 109 1.13 -2.41 21.05
N VAL A 110 -0.09 -2.28 20.56
CA VAL A 110 -0.75 -3.39 19.87
C VAL A 110 -0.97 -3.10 18.40
N VAL A 111 -0.59 -1.90 17.96
CA VAL A 111 -0.66 -1.54 16.55
C VAL A 111 0.40 -2.35 15.82
N ASP A 112 -0.02 -3.04 14.77
CA ASP A 112 0.83 -4.00 14.11
C ASP A 112 0.54 -4.03 12.62
N GLY A 113 1.20 -3.15 11.88
CA GLY A 113 1.06 -3.11 10.43
C GLY A 113 0.30 -1.92 9.85
N ILE A 114 -0.61 -1.31 10.63
CA ILE A 114 -1.54 -0.34 10.07
C ILE A 114 -1.20 1.08 10.45
N ASN A 115 -1.90 2.04 9.84
CA ASN A 115 -1.67 3.45 10.11
C ASN A 115 -2.27 3.85 11.44
N VAL A 116 -1.73 4.91 12.03
CA VAL A 116 -2.36 5.52 13.17
C VAL A 116 -2.51 7.00 12.91
N THR A 117 -3.74 7.48 12.92
CA THR A 117 -4.03 8.90 12.80
C THR A 117 -4.30 9.46 14.18
N TYR A 118 -3.50 10.43 14.61
CA TYR A 118 -3.80 11.13 15.85
C TYR A 118 -4.75 12.27 15.49
N HIS A 119 -5.94 12.27 16.09
CA HIS A 119 -7.01 13.10 15.56
C HIS A 119 -7.20 14.43 16.29
N ARG A 120 -8.40 14.99 16.14
CA ARG A 120 -8.68 16.37 16.51
C ARG A 120 -8.66 16.63 18.02
N ALA A 121 -8.21 15.63 18.77
CA ALA A 121 -7.80 15.88 20.14
C ALA A 121 -6.78 17.02 20.10
N ILE A 122 -5.95 17.01 19.06
CA ILE A 122 -4.89 17.98 18.90
C ILE A 122 -5.41 19.42 18.80
N ASP A 123 -6.66 19.60 18.33
CA ASP A 123 -7.23 20.94 18.23
C ASP A 123 -7.51 21.53 19.59
N ASP A 124 -7.59 20.68 20.61
CA ASP A 124 -7.86 21.13 21.96
C ASP A 124 -6.56 21.43 22.71
N ILE A 125 -5.43 21.34 22.01
CA ILE A 125 -4.12 21.71 22.57
C ILE A 125 -3.78 23.16 22.19
N GLU A 126 -3.19 23.91 23.12
CA GLU A 126 -3.10 25.37 22.93
C GLU A 126 -2.13 25.81 21.84
N ASN A 127 -1.01 25.10 21.68
CA ASN A 127 -0.19 25.28 20.48
C ASN A 127 0.15 23.94 19.86
N PRO A 128 -0.74 23.44 18.99
CA PRO A 128 -0.63 22.11 18.40
C PRO A 128 0.62 21.86 17.58
N VAL A 129 1.44 22.90 17.37
CA VAL A 129 2.66 22.73 16.61
C VAL A 129 3.64 21.97 17.49
N GLU A 130 3.56 22.25 18.79
CA GLU A 130 4.36 21.56 19.79
C GLU A 130 4.13 20.05 19.75
N ALA A 131 2.87 19.66 19.69
CA ALA A 131 2.43 18.26 19.74
C ALA A 131 3.07 17.39 18.65
N ARG A 133 6.14 17.62 17.32
CA ARG A 133 7.47 17.20 17.77
C ARG A 133 7.38 15.98 18.70
N THR A 134 6.40 16.00 19.59
CA THR A 134 6.14 14.89 20.48
C THR A 134 5.70 13.64 19.71
N LEU A 135 4.73 13.80 18.82
CA LEU A 135 4.19 12.66 18.09
C LEU A 135 5.25 12.01 17.23
N LYS A 136 6.21 12.81 16.78
CA LYS A 136 7.31 12.30 15.97
C LYS A 136 8.19 11.36 16.79
N LYS A 137 8.11 11.46 18.11
CA LYS A 137 8.82 10.53 18.98
C LYS A 137 8.16 9.16 18.96
N PHE A 138 6.92 9.12 18.48
CA PHE A 138 6.18 7.87 18.35
C PHE A 138 6.16 7.50 16.89
N HIS A 139 7.00 6.54 16.50
CA HIS A 139 7.18 6.28 15.09
C HIS A 139 5.90 5.73 14.44
N LYS A 140 5.00 5.13 15.22
CA LYS A 140 3.81 4.50 14.64
C LYS A 140 2.74 5.51 14.20
N VAL A 141 2.79 6.70 14.76
CA VAL A 141 1.82 7.74 14.37
C VAL A 141 2.08 8.25 12.98
N THR A 142 1.16 7.98 12.05
CA THR A 142 1.39 8.29 10.65
C THR A 142 0.72 9.58 10.18
N HIS A 143 -0.46 9.88 10.69
CA HIS A 143 -1.22 11.03 10.24
C HIS A 143 -1.65 11.91 11.36
N VAL A 144 -2.07 13.11 11.00
CA VAL A 144 -2.69 13.97 11.98
C VAL A 144 -3.89 14.67 11.37
N LEU A 145 -5.02 14.56 12.06
CA LEU A 145 -6.24 15.23 11.66
C LEU A 145 -6.46 16.49 12.52
N THR A 146 -6.34 17.66 11.91
CA THR A 146 -6.44 18.89 12.69
C THR A 146 -7.12 20.02 11.92
N SER A 147 -7.76 20.91 12.67
CA SER A 147 -8.45 22.05 12.10
C SER A 147 -7.78 23.37 12.49
N GLY A 148 -6.50 23.30 12.82
CA GLY A 148 -5.75 24.49 13.17
C GLY A 148 -6.19 25.03 14.51
N GLY A 149 -6.50 24.13 15.44
CA GLY A 149 -7.00 24.55 16.73
C GLY A 149 -8.46 24.90 16.63
N GLN A 150 -8.93 25.74 17.55
CA GLN A 150 -10.32 26.17 17.52
C GLN A 150 -10.44 27.38 16.61
N GLY A 151 -11.65 27.89 16.49
CA GLY A 151 -11.90 29.03 15.63
C GLY A 151 -11.97 28.62 14.18
N ASN A 152 -12.24 29.58 13.31
CA ASN A 152 -12.46 29.29 11.91
C ASN A 152 -11.24 28.70 11.21
N ILE A 153 -11.51 27.73 10.34
CA ILE A 153 -10.44 26.91 9.77
C ILE A 153 -9.54 27.72 8.86
N VAL A 154 -10.11 28.55 8.01
CA VAL A 154 -9.31 29.36 7.11
C VAL A 154 -8.69 30.51 7.88
N ASP A 155 -9.25 30.77 9.05
CA ASP A 155 -8.68 31.76 9.92
C ASP A 155 -7.65 31.07 10.79
N ASN A 156 -7.74 29.74 10.83
CA ASN A 156 -6.72 28.91 11.45
C ASN A 156 -5.65 28.52 10.45
N ILE A 157 -5.80 28.96 9.21
CA ILE A 157 -4.87 28.59 8.17
C ILE A 157 -3.41 28.95 8.49
N PRO A 158 -3.16 30.05 9.23
CA PRO A 158 -1.74 30.23 9.56
C PRO A 158 -1.18 29.17 10.51
N VAL A 159 -2.02 28.74 11.45
CA VAL A 159 -1.54 27.80 12.45
C VAL A 159 -1.43 26.41 11.80
N LEU A 160 -2.30 26.11 10.84
CA LEU A 160 -2.13 24.91 10.03
C LEU A 160 -0.79 24.88 9.30
N THR A 161 -0.38 26.05 8.82
CA THR A 161 0.88 26.16 8.12
C THR A 161 2.07 25.86 9.05
N ASP A 162 2.07 26.48 10.22
CA ASP A 162 3.04 26.19 11.28
C ASP A 162 3.22 24.69 11.51
N GLN A 164 2.43 22.11 9.50
CA GLN A 164 2.95 21.40 8.35
C GLN A 164 4.49 21.36 8.30
N LYS A 165 5.13 22.41 8.80
CA LYS A 165 6.58 22.54 8.66
C LYS A 165 7.41 21.44 9.34
N ILE A 166 7.06 21.06 10.58
CA ILE A 166 7.88 20.13 11.35
C ILE A 166 7.69 18.67 10.93
N SER A 167 6.72 18.45 10.05
CA SER A 167 6.33 17.10 9.65
C SER A 167 7.47 16.29 9.08
N ASP A 168 8.41 16.97 8.42
CA ASP A 168 9.58 16.36 7.77
C ASP A 168 9.25 15.11 6.98
N GLY A 169 8.02 15.04 6.49
CA GLY A 169 7.57 13.87 5.75
C GLY A 169 7.36 12.70 6.68
N GLN A 170 7.38 12.96 7.98
CA GLN A 170 7.19 11.91 8.97
C GLN A 170 5.73 11.68 9.21
N ILE A 171 4.98 12.78 9.28
CA ILE A 171 3.55 12.70 9.58
C ILE A 171 2.75 13.33 8.45
N GLN A 172 1.81 12.56 7.89
CA GLN A 172 0.92 13.10 6.88
C GLN A 172 -0.22 13.87 7.52
N LEU A 173 -0.32 15.16 7.25
CA LEU A 173 -1.43 15.89 7.82
C LEU A 173 -2.65 15.76 6.93
N VAL A 174 -3.80 15.94 7.53
CA VAL A 174 -5.08 15.89 6.84
C VAL A 174 -5.87 17.06 7.33
N VAL A 175 -6.29 17.97 6.47
CA VAL A 175 -7.06 19.12 6.95
C VAL A 175 -8.45 18.67 7.29
N GLY A 176 -8.97 19.27 8.35
CA GLY A 176 -10.16 18.80 8.99
C GLY A 176 -11.40 19.64 8.93
N ALA A 177 -12.11 19.61 10.04
CA ALA A 177 -13.48 20.06 10.14
C ALA A 177 -13.55 21.50 9.74
N GLY A 178 -14.68 21.85 9.20
CA GLY A 178 -14.91 23.14 8.62
C GLY A 178 -14.64 23.19 7.12
N VAL A 179 -14.07 22.15 6.55
CA VAL A 179 -13.79 22.12 5.12
C VAL A 179 -15.06 22.21 4.28
N THR A 180 -15.03 23.11 3.29
CA THR A 180 -16.12 23.26 2.31
C THR A 180 -15.55 23.32 0.89
N LYS A 181 -16.42 23.32 -0.12
CA LYS A 181 -15.94 23.45 -1.49
C LYS A 181 -15.41 24.86 -1.72
N GLU A 182 -15.96 25.82 -0.98
CA GLU A 182 -15.54 27.19 -1.10
C GLU A 182 -14.15 27.43 -0.49
N ASN A 183 -13.76 26.60 0.48
CA ASN A 183 -12.52 26.88 1.19
C ASN A 183 -11.43 25.79 1.13
N ILE A 184 -11.68 24.71 0.42
CA ILE A 184 -10.78 23.57 0.49
C ILE A 184 -9.48 23.78 -0.31
N LYS A 185 -9.58 24.43 -1.45
CA LYS A 185 -8.41 24.70 -2.29
C LYS A 185 -7.37 25.53 -1.54
N GLN A 186 -7.83 26.67 -1.05
CA GLN A 186 -7.04 27.59 -0.25
C GLN A 186 -6.29 26.83 0.85
N LEU A 187 -7.00 25.97 1.57
CA LEU A 187 -6.44 25.32 2.76
C LEU A 187 -5.28 24.38 2.48
N LEU A 188 -5.31 23.67 1.36
CA LEU A 188 -4.17 22.84 1.00
C LEU A 188 -3.04 23.68 0.44
N ASN A 189 -3.40 24.59 -0.46
CA ASN A 189 -2.40 25.42 -1.14
C ASN A 189 -1.52 26.16 -0.17
N GLU A 190 -2.16 26.86 0.75
CA GLU A 190 -1.42 27.73 1.65
C GLU A 190 -0.48 26.89 2.52
N THR A 191 -0.98 25.74 2.97
CA THR A 191 -0.28 24.92 3.96
C THR A 191 0.70 23.91 3.37
N GLY A 192 0.39 23.41 2.19
CA GLY A 192 1.23 22.40 1.57
C GLY A 192 0.77 21.01 1.96
N ILE A 193 -0.18 20.92 2.88
CA ILE A 193 -0.78 19.64 3.25
C ILE A 193 -1.43 19.06 2.00
N SER A 194 -1.36 17.76 1.83
CA SER A 194 -1.90 17.16 0.61
C SER A 194 -3.09 16.24 0.84
N GLN A 195 -3.58 16.18 2.09
CA GLN A 195 -4.74 15.35 2.39
C GLN A 195 -5.83 16.12 3.11
N ALA A 196 -7.07 15.74 2.86
CA ALA A 196 -8.24 16.45 3.40
C ALA A 196 -9.31 15.49 3.93
N HIS A 197 -10.10 15.99 4.88
CA HIS A 197 -11.11 15.20 5.56
C HIS A 197 -12.46 15.94 5.49
N VAL A 198 -13.46 15.30 4.91
CA VAL A 198 -14.76 15.95 4.75
C VAL A 198 -15.92 15.14 5.32
N GLY A 199 -16.92 15.86 5.83
CA GLY A 199 -18.04 15.24 6.48
C GLY A 199 -19.37 15.64 5.87
N THR A 200 -20.04 16.60 6.48
CA THR A 200 -21.38 17.00 6.07
C THR A 200 -21.36 17.79 4.78
N ALA A 201 -20.16 18.15 4.34
CA ALA A 201 -19.97 18.84 3.08
C ALA A 201 -20.51 18.05 1.87
N VAL A 202 -20.50 16.72 1.96
CA VAL A 202 -20.88 15.89 0.81
C VAL A 202 -22.14 15.08 1.00
N ARG A 203 -22.97 15.49 1.95
CA ARG A 203 -24.26 14.87 2.19
C ARG A 203 -25.36 15.72 1.56
N GLU A 204 -26.29 15.04 0.89
CA GLU A 204 -27.43 15.72 0.26
C GLU A 204 -28.24 16.38 1.38
N GLY A 205 -28.17 17.70 1.45
CA GLY A 205 -28.92 18.44 2.48
C GLY A 205 -28.07 18.88 3.64
N LYS A 206 -26.76 18.67 3.49
CA LYS A 206 -25.76 19.10 4.46
C LYS A 206 -25.95 18.46 5.84
N SER A 207 -26.71 17.37 5.89
CA SER A 207 -27.00 16.71 7.16
C SER A 207 -26.32 15.35 7.31
N CYS A 208 -26.01 14.99 8.55
CA CYS A 208 -25.31 13.74 8.82
C CYS A 208 -26.23 12.55 8.93
N PHE A 209 -27.54 12.78 8.81
CA PHE A 209 -28.50 11.68 8.75
C PHE A 209 -28.96 11.49 7.32
N ALA A 210 -28.35 12.27 6.42
CA ALA A 210 -28.63 12.17 5.01
C ALA A 210 -27.59 11.32 4.30
N GLU A 211 -27.94 10.87 3.10
CA GLU A 211 -27.05 10.09 2.25
C GLU A 211 -26.00 10.97 1.60
N ILE A 212 -24.91 10.34 1.14
CA ILE A 212 -23.81 11.06 0.51
C ILE A 212 -24.19 11.45 -0.92
N ASP A 213 -23.82 12.67 -1.30
CA ASP A 213 -24.01 13.18 -2.66
C ASP A 213 -22.77 12.88 -3.49
N LEU A 214 -22.88 11.97 -4.45
CA LEU A 214 -21.73 11.55 -5.24
C LEU A 214 -21.08 12.71 -5.98
N ASN A 215 -21.90 13.60 -6.52
CA ASN A 215 -21.38 14.77 -7.24
C ASN A 215 -20.57 15.69 -6.35
N LEU A 216 -21.02 15.88 -5.11
CA LEU A 216 -20.30 16.75 -4.21
C LEU A 216 -18.95 16.13 -3.86
N VAL A 217 -18.89 14.80 -3.86
CA VAL A 217 -17.62 14.14 -3.62
C VAL A 217 -16.76 14.24 -4.86
N GLN A 218 -17.30 13.77 -5.99
CA GLN A 218 -16.59 13.81 -7.27
C GLN A 218 -15.98 15.18 -7.47
N GLU A 219 -16.81 16.20 -7.27
CA GLU A 219 -16.39 17.58 -7.37
C GLU A 219 -15.21 17.88 -6.48
N LEU A 220 -15.29 17.43 -5.23
CA LEU A 220 -14.24 17.69 -4.27
C LEU A 220 -12.96 17.00 -4.71
N VAL A 221 -13.10 15.82 -5.32
CA VAL A 221 -11.95 15.18 -5.93
C VAL A 221 -11.39 16.17 -6.96
N GLN A 222 -12.27 16.61 -7.84
CA GLN A 222 -11.90 17.37 -9.02
C GLN A 222 -11.37 18.77 -8.75
N ILE A 223 -11.37 19.18 -7.49
CA ILE A 223 -10.90 20.51 -7.14
C ILE A 223 -9.51 20.39 -6.55
N ILE A 224 -9.38 19.45 -5.61
CA ILE A 224 -8.12 19.15 -4.96
C ILE A 224 -7.09 18.72 -5.99
N GLN A 225 -7.51 17.83 -6.88
CA GLN A 225 -6.62 17.27 -7.87
C GLN A 225 -6.37 18.21 -9.06
N LEU B 2 8.44 -11.72 0.81
CA LEU B 2 8.97 -10.52 0.16
C LEU B 2 10.05 -10.91 -0.82
N GLU B 3 9.77 -10.65 -2.10
CA GLU B 3 10.75 -10.84 -3.17
C GLU B 3 11.37 -9.49 -3.51
N VAL B 4 12.70 -9.46 -3.58
CA VAL B 4 13.42 -8.21 -3.84
C VAL B 4 14.36 -8.30 -5.03
N ILE B 5 14.33 -7.29 -5.90
CA ILE B 5 15.27 -7.21 -7.01
C ILE B 5 16.68 -7.00 -6.51
N ALA B 6 17.62 -7.77 -7.06
CA ALA B 6 19.03 -7.58 -6.82
C ALA B 6 19.73 -7.28 -8.15
N THR B 7 20.55 -6.24 -8.20
CA THR B 7 21.28 -5.88 -9.42
C THR B 7 22.78 -6.08 -9.24
N CYS B 8 23.19 -6.31 -8.01
CA CYS B 8 24.61 -6.50 -7.75
C CYS B 8 24.81 -7.49 -6.61
N LEU B 9 26.04 -7.91 -6.42
CA LEU B 9 26.31 -8.91 -5.41
C LEU B 9 26.01 -8.40 -4.00
N GLU B 10 26.24 -7.12 -3.74
CA GLU B 10 25.96 -6.62 -2.40
C GLU B 10 24.44 -6.63 -2.15
N ASP B 11 23.64 -6.31 -3.16
CA ASP B 11 22.18 -6.43 -3.08
C ASP B 11 21.83 -7.79 -2.52
N VAL B 12 22.21 -8.82 -3.27
CA VAL B 12 21.92 -10.20 -2.94
C VAL B 12 22.12 -10.51 -1.46
N LYS B 13 23.27 -10.13 -0.94
CA LYS B 13 23.61 -10.44 0.45
C LYS B 13 22.74 -9.65 1.43
N ARG B 14 22.56 -8.36 1.20
CA ARG B 14 21.75 -7.56 2.09
C ARG B 14 20.29 -7.98 2.03
N ILE B 15 19.87 -8.51 0.88
CA ILE B 15 18.52 -9.05 0.76
C ILE B 15 18.31 -10.08 1.84
N GLU B 16 19.14 -11.11 1.82
CA GLU B 16 19.07 -12.17 2.80
C GLU B 16 19.21 -11.61 4.23
N ARG B 17 20.21 -10.76 4.44
N ARG B 17 20.20 -10.74 4.44
CA ARG B 17 20.51 -10.19 5.76
CA ARG B 17 20.51 -10.22 5.78
C ARG B 17 19.30 -9.53 6.41
C ARG B 17 19.32 -9.50 6.42
N ALA B 18 18.59 -8.71 5.65
CA ALA B 18 17.50 -7.90 6.19
C ALA B 18 16.15 -8.63 6.30
N GLY B 19 16.08 -9.84 5.77
CA GLY B 19 14.86 -10.62 5.88
C GLY B 19 13.98 -10.74 4.65
N GLY B 20 14.51 -10.41 3.48
CA GLY B 20 13.82 -10.73 2.24
C GLY B 20 13.86 -12.23 2.05
N LYS B 21 12.88 -12.79 1.36
CA LYS B 21 12.81 -14.24 1.26
C LYS B 21 13.01 -14.79 -0.16
N ARG B 22 12.98 -13.91 -1.14
N ARG B 22 12.92 -13.98 -1.18
CA ARG B 22 13.25 -14.32 -2.51
CA ARG B 22 13.30 -14.38 -2.51
C ARG B 22 13.96 -13.16 -3.21
C ARG B 22 13.98 -13.18 -3.21
N ILE B 23 14.88 -13.50 -4.13
CA ILE B 23 15.59 -12.51 -4.93
C ILE B 23 15.23 -12.63 -6.40
N GLU B 24 14.99 -11.50 -7.06
CA GLU B 24 14.94 -11.44 -8.52
C GLU B 24 16.24 -10.85 -9.00
N LEU B 25 17.07 -11.70 -9.57
CA LEU B 25 18.40 -11.33 -10.02
C LEU B 25 18.35 -10.76 -11.44
N ILE B 26 18.74 -9.51 -11.56
CA ILE B 26 18.74 -8.78 -12.82
C ILE B 26 20.07 -8.07 -13.12
N SER B 27 20.23 -7.65 -14.37
CA SER B 27 21.09 -6.56 -14.75
C SER B 27 20.21 -5.44 -15.36
N SER B 28 20.46 -4.21 -14.94
CA SER B 28 19.74 -3.04 -15.46
C SER B 28 18.33 -2.82 -14.94
N TYR B 29 18.17 -2.21 -13.78
CA TYR B 29 16.86 -1.82 -13.32
C TYR B 29 16.24 -0.81 -14.30
N THR B 30 17.09 0.05 -14.84
CA THR B 30 16.64 1.16 -15.66
C THR B 30 15.85 0.66 -16.89
N GLU B 31 16.14 -0.55 -17.34
CA GLU B 31 15.47 -1.13 -18.49
C GLU B 31 14.48 -2.20 -18.07
N GLY B 32 14.22 -2.31 -16.77
CA GLY B 32 13.21 -3.21 -16.28
C GLY B 32 13.70 -4.58 -15.90
N GLY B 33 15.01 -4.80 -15.98
CA GLY B 33 15.62 -6.08 -15.64
C GLY B 33 15.88 -6.94 -16.85
N LEU B 34 17.15 -7.31 -17.06
CA LEU B 34 17.59 -8.14 -18.19
C LEU B 34 18.44 -9.29 -17.66
N THR B 35 18.67 -10.31 -18.49
CA THR B 35 19.46 -11.46 -18.07
C THR B 35 20.86 -11.02 -17.64
N PRO B 36 21.27 -11.38 -16.41
CA PRO B 36 22.62 -11.08 -15.93
C PRO B 36 23.67 -12.06 -16.46
N SER B 37 24.95 -11.73 -16.28
CA SER B 37 26.01 -12.54 -16.83
C SER B 37 26.22 -13.81 -16.05
N TYR B 38 26.94 -14.73 -16.68
CA TYR B 38 27.27 -16.03 -16.14
C TYR B 38 27.80 -15.94 -14.73
N ALA B 39 28.83 -15.14 -14.54
CA ALA B 39 29.49 -15.14 -13.24
C ALA B 39 28.61 -14.51 -12.15
N PHE B 40 27.79 -13.54 -12.52
CA PHE B 40 26.84 -12.97 -11.56
C PHE B 40 25.86 -14.04 -11.07
N ILE B 41 25.19 -14.73 -12.01
CA ILE B 41 24.30 -15.81 -11.59
C ILE B 41 25.05 -16.80 -10.71
N LYS B 42 26.23 -17.19 -11.16
CA LYS B 42 27.02 -18.19 -10.43
C LYS B 42 27.23 -17.77 -8.99
N LYS B 43 27.73 -16.56 -8.83
CA LYS B 43 28.13 -16.07 -7.52
C LYS B 43 26.94 -15.71 -6.67
N ALA B 44 25.87 -15.24 -7.29
CA ALA B 44 24.68 -14.84 -6.53
C ALA B 44 24.10 -16.04 -5.83
N VAL B 45 23.99 -17.14 -6.57
CA VAL B 45 23.51 -18.38 -6.01
C VAL B 45 24.44 -18.79 -4.86
N GLU B 46 25.75 -18.69 -5.06
CA GLU B 46 26.70 -19.11 -4.02
C GLU B 46 26.70 -18.24 -2.75
N ALA B 47 26.18 -17.02 -2.85
CA ALA B 47 26.32 -16.05 -1.76
C ALA B 47 25.30 -16.26 -0.66
N VAL B 48 24.10 -16.70 -1.05
CA VAL B 48 23.01 -16.75 -0.09
C VAL B 48 22.38 -18.11 -0.09
N GLN B 49 21.39 -18.29 0.78
CA GLN B 49 20.65 -19.54 0.86
C GLN B 49 19.19 -19.34 0.46
N ILE B 50 18.79 -18.09 0.25
CA ILE B 50 17.43 -17.80 -0.20
C ILE B 50 17.36 -18.06 -1.68
N PRO B 51 16.15 -18.35 -2.19
CA PRO B 51 16.00 -18.62 -3.62
C PRO B 51 16.37 -17.44 -4.54
N ILE B 52 17.09 -17.79 -5.61
CA ILE B 52 17.36 -16.89 -6.72
C ILE B 52 16.51 -17.23 -7.93
N HIS B 53 15.62 -16.33 -8.31
CA HIS B 53 14.94 -16.37 -9.59
C HIS B 53 15.63 -15.39 -10.51
N VAL B 54 16.21 -15.89 -11.60
CA VAL B 54 16.95 -15.04 -12.52
C VAL B 54 16.06 -14.56 -13.68
N ILE B 56 15.14 -13.74 -17.34
CA ILE B 56 15.54 -14.21 -18.65
C ILE B 56 14.85 -13.31 -19.65
N ARG B 57 15.61 -12.33 -20.13
CA ARG B 57 15.10 -11.22 -20.92
C ARG B 57 16.28 -10.58 -21.62
N PRO B 58 16.40 -10.79 -22.92
CA PRO B 58 17.63 -10.46 -23.64
C PRO B 58 17.79 -8.96 -23.96
N HIS B 59 16.66 -8.25 -24.00
CA HIS B 59 16.66 -6.80 -24.16
C HIS B 59 15.28 -6.32 -23.77
N ALA B 60 15.08 -5.01 -23.77
CA ALA B 60 13.82 -4.45 -23.29
C ALA B 60 13.00 -3.79 -24.38
N LYS B 61 13.28 -4.07 -25.65
CA LYS B 61 12.66 -3.33 -26.74
C LYS B 61 11.24 -3.85 -27.04
N SER B 62 10.97 -5.10 -26.69
CA SER B 62 9.64 -5.69 -26.86
C SER B 62 9.59 -7.03 -26.16
N PHE B 63 8.43 -7.68 -26.18
CA PHE B 63 8.35 -9.07 -25.74
C PHE B 63 8.04 -10.01 -26.89
N THR B 64 8.28 -9.56 -28.13
CA THR B 64 8.08 -10.42 -29.29
C THR B 64 9.44 -10.86 -29.80
N TYR B 65 9.90 -12.00 -29.34
CA TYR B 65 11.27 -12.42 -29.56
C TYR B 65 11.45 -13.21 -30.86
N THR B 66 12.53 -12.98 -31.60
CA THR B 66 12.84 -13.77 -32.78
C THR B 66 13.07 -15.22 -32.38
N GLU B 67 12.97 -16.15 -33.34
CA GLU B 67 13.24 -17.54 -32.97
C GLU B 67 14.69 -17.75 -32.53
N GLU B 68 15.58 -16.89 -33.01
CA GLU B 68 16.95 -16.95 -32.56
C GLU B 68 17.05 -16.45 -31.14
N GLU B 69 16.22 -15.49 -30.79
CA GLU B 69 16.24 -15.03 -29.40
C GLU B 69 15.62 -16.05 -28.47
N ILE B 70 14.60 -16.77 -28.93
CA ILE B 70 13.98 -17.79 -28.10
C ILE B 70 14.99 -18.89 -27.76
N GLU B 71 15.83 -19.27 -28.72
CA GLU B 71 16.83 -20.29 -28.46
C GLU B 71 17.90 -19.76 -27.51
N LYS B 74 16.44 -20.09 -24.09
CA LYS B 74 16.50 -21.49 -23.68
C LYS B 74 17.90 -21.86 -23.17
N GLU B 75 18.93 -21.40 -23.87
CA GLU B 75 20.28 -21.76 -23.50
C GLU B 75 20.70 -21.05 -22.21
N ASP B 76 20.18 -19.84 -21.99
CA ASP B 76 20.41 -19.15 -20.70
C ASP B 76 19.67 -19.82 -19.55
N ILE B 77 18.52 -20.43 -19.83
CA ILE B 77 17.76 -21.14 -18.80
C ILE B 77 18.51 -22.39 -18.37
N VAL B 78 19.05 -23.09 -19.36
CA VAL B 78 19.81 -24.31 -19.09
C VAL B 78 21.03 -24.01 -18.21
N VAL B 79 21.78 -22.98 -18.57
CA VAL B 79 22.97 -22.60 -17.79
C VAL B 79 22.60 -22.09 -16.39
N ALA B 80 21.54 -21.30 -16.30
CA ALA B 80 21.00 -20.87 -15.02
C ALA B 80 20.69 -22.05 -14.12
N GLN B 81 19.94 -23.01 -14.66
CA GLN B 81 19.61 -24.22 -13.90
C GLN B 81 20.86 -24.91 -13.41
N LYS B 82 21.86 -24.98 -14.27
CA LYS B 82 23.11 -25.58 -13.92
C LYS B 82 23.77 -24.80 -12.78
N LEU B 83 23.52 -23.48 -12.75
CA LEU B 83 24.16 -22.62 -11.78
C LEU B 83 23.43 -22.62 -10.42
N GLY B 84 22.34 -23.36 -10.36
CA GLY B 84 21.59 -23.46 -9.12
C GLY B 84 20.49 -22.47 -8.86
N VAL B 85 19.99 -21.81 -9.88
CA VAL B 85 18.93 -20.85 -9.63
C VAL B 85 17.68 -21.55 -9.12
N ALA B 86 16.85 -20.83 -8.39
CA ALA B 86 15.61 -21.41 -7.91
C ALA B 86 14.49 -21.31 -8.95
N GLY B 87 14.71 -20.49 -9.98
CA GLY B 87 13.72 -20.33 -11.03
C GLY B 87 14.13 -19.27 -12.04
N VAL B 88 13.31 -19.06 -13.07
CA VAL B 88 13.56 -18.06 -14.09
C VAL B 88 12.32 -17.17 -14.28
N VAL B 89 12.56 -15.92 -14.69
CA VAL B 89 11.50 -14.93 -14.84
C VAL B 89 11.43 -14.51 -16.31
N LEU B 90 10.31 -14.71 -16.97
CA LEU B 90 10.27 -14.47 -18.41
C LEU B 90 8.86 -14.10 -18.88
N GLY B 91 8.70 -13.83 -20.16
CA GLY B 91 7.38 -13.56 -20.69
C GLY B 91 7.46 -13.11 -22.12
N VAL B 92 6.73 -13.78 -23.00
CA VAL B 92 6.79 -13.44 -24.43
C VAL B 92 5.38 -13.19 -24.99
N LEU B 93 5.22 -12.07 -25.68
CA LEU B 93 3.93 -11.73 -26.28
C LEU B 93 3.98 -11.95 -27.78
N ASN B 94 2.83 -12.26 -28.37
CA ASN B 94 2.79 -12.28 -29.82
C ASN B 94 2.46 -10.89 -30.33
N GLU B 95 2.12 -10.83 -31.59
CA GLU B 95 1.97 -9.55 -32.27
C GLU B 95 0.63 -8.94 -31.86
N ARG B 96 -0.20 -9.77 -31.23
CA ARG B 96 -1.49 -9.36 -30.69
C ARG B 96 -1.40 -8.79 -29.27
N ASN B 97 -0.18 -8.64 -28.75
CA ASN B 97 0.01 -8.31 -27.32
C ASN B 97 -0.71 -9.31 -26.42
N GLU B 98 -0.57 -10.58 -26.77
CA GLU B 98 -1.15 -11.67 -25.99
C GLU B 98 -0.09 -12.76 -25.83
N VAL B 99 -0.36 -13.80 -25.05
CA VAL B 99 0.64 -14.84 -24.78
C VAL B 99 1.05 -15.61 -26.04
N ALA B 100 2.32 -15.52 -26.39
CA ALA B 100 2.85 -16.31 -27.50
C ALA B 100 2.96 -17.75 -27.04
N GLU B 101 1.96 -18.56 -27.38
CA GLU B 101 1.80 -19.87 -26.75
C GLU B 101 2.80 -20.93 -27.23
N GLU B 102 3.23 -20.87 -28.48
CA GLU B 102 4.19 -21.87 -28.96
C GLU B 102 5.59 -21.47 -28.55
N LYS B 103 5.85 -20.18 -28.49
CA LYS B 103 7.16 -19.75 -28.04
C LYS B 103 7.36 -20.08 -26.58
N LEU B 104 6.29 -19.97 -25.78
CA LEU B 104 6.39 -20.34 -24.36
C LEU B 104 6.69 -21.82 -24.20
N ALA B 105 6.03 -22.65 -25.00
CA ALA B 105 6.28 -24.08 -24.98
C ALA B 105 7.73 -24.40 -25.23
N ASP B 106 8.35 -23.68 -26.17
CA ASP B 106 9.72 -23.94 -26.55
C ASP B 106 10.66 -23.52 -25.40
N LEU B 107 10.34 -22.40 -24.79
CA LEU B 107 11.13 -21.91 -23.66
C LEU B 107 11.10 -22.92 -22.53
N LEU B 108 9.91 -23.42 -22.24
CA LEU B 108 9.70 -24.29 -21.10
C LEU B 108 10.20 -25.69 -21.40
N SER B 109 10.42 -25.98 -22.67
CA SER B 109 10.92 -27.28 -23.07
C SER B 109 12.25 -27.65 -22.38
N VAL B 110 13.03 -26.66 -21.98
CA VAL B 110 14.34 -26.93 -21.40
C VAL B 110 14.32 -26.82 -19.89
N VAL B 111 13.20 -26.34 -19.36
CA VAL B 111 13.05 -26.17 -17.91
C VAL B 111 12.86 -27.54 -17.31
N ASP B 112 13.41 -27.74 -16.12
CA ASP B 112 13.24 -29.02 -15.44
C ASP B 112 13.30 -28.81 -13.94
N GLY B 113 12.12 -28.64 -13.33
CA GLY B 113 12.02 -28.59 -11.88
C GLY B 113 12.61 -27.38 -11.18
N ILE B 114 12.52 -26.21 -11.81
CA ILE B 114 12.68 -24.93 -11.12
C ILE B 114 11.38 -24.17 -11.29
N ASN B 115 11.24 -23.05 -10.60
CA ASN B 115 10.05 -22.22 -10.76
C ASN B 115 10.08 -21.46 -12.07
N VAL B 116 8.90 -21.00 -12.51
CA VAL B 116 8.83 -20.16 -13.68
C VAL B 116 7.85 -19.02 -13.47
N THR B 117 8.38 -17.81 -13.51
CA THR B 117 7.56 -16.61 -13.34
C THR B 117 7.32 -15.96 -14.67
N TYR B 118 6.08 -15.96 -15.14
CA TYR B 118 5.71 -15.15 -16.29
C TYR B 118 5.62 -13.73 -15.79
N HIS B 119 6.41 -12.84 -16.36
CA HIS B 119 6.59 -11.56 -15.71
C HIS B 119 5.62 -10.51 -16.22
N ARG B 120 6.00 -9.25 -16.06
CA ARG B 120 5.10 -8.14 -16.32
C ARG B 120 4.76 -7.93 -17.79
N ALA B 121 5.21 -8.87 -18.63
CA ALA B 121 4.71 -8.95 -19.99
C ALA B 121 3.21 -9.19 -19.93
N ILE B 122 2.75 -9.93 -18.94
CA ILE B 122 1.35 -10.31 -18.83
C ILE B 122 0.45 -9.09 -18.67
N ASP B 123 1.04 -7.98 -18.23
CA ASP B 123 0.30 -6.74 -18.00
C ASP B 123 0.01 -6.01 -19.30
N ASP B 124 0.75 -6.33 -20.35
CA ASP B 124 0.46 -5.79 -21.66
C ASP B 124 -0.71 -6.48 -22.37
N ILE B 125 -1.11 -7.64 -21.86
CA ILE B 125 -2.19 -8.40 -22.46
C ILE B 125 -3.57 -7.78 -22.22
N GLU B 126 -4.41 -7.81 -23.26
CA GLU B 126 -5.62 -7.02 -23.33
C GLU B 126 -6.39 -7.38 -22.11
N ASN B 127 -6.57 -8.65 -21.84
CA ASN B 127 -7.11 -9.05 -20.57
C ASN B 127 -6.22 -9.99 -19.80
N PRO B 128 -5.60 -9.40 -18.69
CA PRO B 128 -4.73 -10.31 -17.91
C PRO B 128 -5.50 -11.48 -17.41
N VAL B 129 -6.76 -11.25 -17.14
CA VAL B 129 -7.62 -12.33 -16.66
C VAL B 129 -7.63 -13.41 -17.72
N GLU B 130 -7.88 -13.02 -18.95
CA GLU B 130 -7.81 -13.97 -20.03
C GLU B 130 -6.36 -14.36 -20.26
N ALA B 131 -5.44 -13.44 -19.96
CA ALA B 131 -4.03 -13.80 -19.97
C ALA B 131 -3.75 -14.84 -18.89
N ARG B 133 -5.91 -16.78 -17.69
CA ARG B 133 -6.65 -17.93 -18.20
C ARG B 133 -5.75 -18.81 -19.08
N THR B 134 -5.16 -18.23 -20.11
CA THR B 134 -4.33 -19.01 -21.02
C THR B 134 -3.05 -19.51 -20.35
N LEU B 135 -2.59 -18.79 -19.33
CA LEU B 135 -1.35 -19.17 -18.66
C LEU B 135 -1.49 -20.44 -17.87
N LYS B 136 -2.66 -20.64 -17.26
CA LYS B 136 -2.89 -21.80 -16.43
C LYS B 136 -2.78 -23.10 -17.24
N LYS B 137 -2.76 -22.94 -18.55
CA LYS B 137 -2.53 -24.06 -19.45
C LYS B 137 -1.16 -24.70 -19.29
N PHE B 138 -0.13 -23.91 -19.00
CA PHE B 138 1.22 -24.44 -19.03
C PHE B 138 1.73 -24.91 -17.67
N HIS B 139 1.93 -26.21 -17.52
CA HIS B 139 2.16 -26.79 -16.21
C HIS B 139 3.41 -26.25 -15.52
N LYS B 140 4.44 -25.98 -16.30
CA LYS B 140 5.71 -25.49 -15.79
C LYS B 140 5.69 -24.08 -15.23
N VAL B 141 4.64 -23.31 -15.49
CA VAL B 141 4.57 -21.98 -14.91
C VAL B 141 4.10 -22.04 -13.47
N THR B 142 4.94 -21.60 -12.54
CA THR B 142 4.58 -21.67 -11.13
C THR B 142 4.18 -20.33 -10.54
N HIS B 143 4.67 -19.25 -11.13
CA HIS B 143 4.42 -17.92 -10.61
C HIS B 143 4.06 -16.97 -11.72
N VAL B 144 3.37 -15.90 -11.35
CA VAL B 144 3.21 -14.78 -12.27
C VAL B 144 3.44 -13.47 -11.51
N LEU B 145 4.29 -12.64 -12.07
CA LEU B 145 4.55 -11.30 -11.54
C LEU B 145 3.64 -10.29 -12.27
N THR B 146 2.95 -9.43 -11.52
CA THR B 146 2.00 -8.51 -12.17
C THR B 146 1.59 -7.28 -11.34
N SER B 147 1.13 -6.25 -12.03
CA SER B 147 0.51 -5.08 -11.41
C SER B 147 -0.95 -4.93 -11.84
N GLY B 148 -1.44 -5.92 -12.57
CA GLY B 148 -2.83 -5.95 -12.99
C GLY B 148 -3.21 -4.98 -14.10
N GLY B 149 -2.31 -4.79 -15.05
CA GLY B 149 -2.54 -3.83 -16.12
C GLY B 149 -1.71 -2.59 -15.91
N GLN B 150 -1.78 -1.66 -16.84
CA GLN B 150 -0.94 -0.46 -16.78
C GLN B 150 -1.63 0.65 -16.00
N GLY B 151 -0.97 1.80 -15.90
CA GLY B 151 -1.37 2.83 -14.94
C GLY B 151 -0.89 2.32 -13.61
N ASN B 152 -1.17 3.02 -12.52
CA ASN B 152 -0.60 2.54 -11.27
C ASN B 152 -1.43 1.49 -10.55
N ILE B 153 -0.71 0.64 -9.83
CA ILE B 153 -1.18 -0.65 -9.34
C ILE B 153 -2.40 -0.59 -8.39
N VAL B 154 -2.59 0.55 -7.74
CA VAL B 154 -3.73 0.72 -6.83
C VAL B 154 -5.07 0.54 -7.51
N ASP B 155 -5.25 1.23 -8.63
CA ASP B 155 -6.51 1.18 -9.35
C ASP B 155 -6.83 -0.24 -9.78
N ASN B 156 -5.77 -1.03 -10.02
CA ASN B 156 -5.89 -2.37 -10.58
C ASN B 156 -6.08 -3.47 -9.56
N ILE B 157 -6.44 -3.07 -8.34
CA ILE B 157 -6.71 -4.04 -7.29
C ILE B 157 -7.77 -5.10 -7.69
N PRO B 158 -8.85 -4.69 -8.40
CA PRO B 158 -9.81 -5.72 -8.79
C PRO B 158 -9.32 -6.77 -9.78
N VAL B 159 -8.48 -6.41 -10.74
CA VAL B 159 -8.01 -7.39 -11.72
C VAL B 159 -7.16 -8.43 -11.00
N LEU B 160 -6.27 -7.94 -10.13
CA LEU B 160 -5.41 -8.79 -9.33
C LEU B 160 -6.24 -9.80 -8.55
N THR B 161 -7.37 -9.31 -8.04
CA THR B 161 -8.34 -10.15 -7.37
C THR B 161 -8.87 -11.25 -8.27
N ASP B 162 -9.38 -10.87 -9.44
CA ASP B 162 -9.99 -11.81 -10.36
C ASP B 162 -9.01 -12.88 -10.82
N GLN B 164 -6.27 -13.83 -9.24
CA GLN B 164 -6.01 -14.67 -8.07
C GLN B 164 -7.17 -15.67 -7.94
N LYS B 165 -8.38 -15.22 -8.22
CA LYS B 165 -9.53 -16.12 -8.30
C LYS B 165 -9.35 -17.06 -9.49
N ILE B 166 -9.04 -16.48 -10.65
CA ILE B 166 -8.86 -17.23 -11.89
C ILE B 166 -7.79 -18.30 -11.72
N SER B 167 -6.66 -17.91 -11.14
CA SER B 167 -5.57 -18.85 -10.88
C SER B 167 -6.06 -20.00 -10.03
N ASP B 168 -6.96 -19.68 -9.12
CA ASP B 168 -7.54 -20.63 -8.18
C ASP B 168 -6.45 -21.48 -7.56
N GLY B 169 -5.43 -20.82 -7.03
CA GLY B 169 -4.34 -21.51 -6.37
C GLY B 169 -3.37 -22.23 -7.29
N GLN B 170 -3.62 -22.22 -8.60
CA GLN B 170 -2.74 -22.95 -9.51
C GLN B 170 -1.40 -22.25 -9.64
N ILE B 171 -1.45 -20.96 -9.94
CA ILE B 171 -0.23 -20.19 -10.10
C ILE B 171 -0.11 -19.22 -8.93
N GLN B 172 1.10 -19.08 -8.40
CA GLN B 172 1.37 -18.15 -7.31
C GLN B 172 1.54 -16.74 -7.86
N LEU B 173 0.77 -15.80 -7.32
CA LEU B 173 0.81 -14.44 -7.82
C LEU B 173 1.72 -13.55 -6.99
N VAL B 174 2.32 -12.57 -7.64
CA VAL B 174 3.31 -11.71 -7.03
C VAL B 174 3.02 -10.31 -7.53
N VAL B 175 2.65 -9.38 -6.68
CA VAL B 175 2.42 -8.03 -7.16
C VAL B 175 3.72 -7.30 -7.36
N GLY B 176 3.86 -6.68 -8.53
CA GLY B 176 5.04 -5.94 -8.86
C GLY B 176 4.75 -4.63 -9.56
N ALA B 177 5.49 -3.61 -9.17
CA ALA B 177 5.43 -2.25 -9.66
C ALA B 177 4.54 -1.39 -8.76
N GLY B 178 5.04 -0.22 -8.41
CA GLY B 178 4.32 0.69 -7.54
C GLY B 178 4.01 0.08 -6.19
N VAL B 179 4.88 -0.80 -5.69
CA VAL B 179 4.72 -1.42 -4.37
C VAL B 179 5.48 -0.68 -3.30
N THR B 180 4.82 -0.33 -2.20
CA THR B 180 5.47 0.50 -1.19
C THR B 180 5.13 0.13 0.23
N LYS B 181 5.77 0.83 1.16
CA LYS B 181 5.43 0.87 2.58
C LYS B 181 3.94 0.89 2.84
N GLU B 182 3.30 1.87 2.20
CA GLU B 182 1.93 2.23 2.50
C GLU B 182 1.00 1.21 1.88
N ASN B 183 1.21 0.96 0.59
CA ASN B 183 0.24 0.19 -0.16
C ASN B 183 0.43 -1.31 -0.04
N ILE B 184 1.58 -1.75 0.46
CA ILE B 184 1.90 -3.16 0.40
C ILE B 184 0.81 -4.00 1.07
N LYS B 185 0.49 -3.70 2.32
CA LYS B 185 -0.55 -4.44 3.00
C LYS B 185 -1.92 -4.14 2.41
N GLN B 186 -2.09 -2.87 2.06
CA GLN B 186 -3.25 -2.40 1.33
C GLN B 186 -3.42 -3.20 0.04
N LEU B 187 -2.30 -3.50 -0.63
CA LEU B 187 -2.32 -4.28 -1.88
C LEU B 187 -2.51 -5.78 -1.63
N LEU B 188 -1.91 -6.28 -0.56
CA LEU B 188 -1.85 -7.72 -0.34
C LEU B 188 -3.18 -8.27 0.12
N ASN B 189 -3.85 -7.49 0.95
CA ASN B 189 -5.03 -7.98 1.62
C ASN B 189 -6.29 -7.71 0.84
N GLU B 190 -6.32 -6.60 0.12
CA GLU B 190 -7.47 -6.24 -0.71
C GLU B 190 -7.61 -7.16 -1.92
N THR B 191 -6.51 -7.72 -2.41
CA THR B 191 -6.56 -8.61 -3.57
C THR B 191 -6.47 -10.08 -3.18
N GLY B 192 -5.87 -10.34 -2.03
CA GLY B 192 -5.71 -11.70 -1.56
C GLY B 192 -4.36 -12.23 -2.00
N ILE B 193 -3.55 -11.35 -2.57
CA ILE B 193 -2.22 -11.74 -3.05
C ILE B 193 -1.22 -11.64 -1.91
N SER B 194 -0.39 -12.66 -1.77
CA SER B 194 0.41 -12.81 -0.56
C SER B 194 1.90 -12.59 -0.79
N GLN B 195 2.29 -12.35 -2.04
CA GLN B 195 3.69 -12.09 -2.35
C GLN B 195 3.87 -10.76 -3.06
N ALA B 196 4.87 -10.01 -2.60
CA ALA B 196 5.17 -8.68 -3.11
C ALA B 196 6.59 -8.59 -3.64
N HIS B 197 6.75 -7.75 -4.65
CA HIS B 197 7.98 -7.56 -5.37
C HIS B 197 8.31 -6.07 -5.31
N VAL B 198 9.48 -5.75 -4.76
CA VAL B 198 9.91 -4.35 -4.70
C VAL B 198 11.32 -4.18 -5.22
N GLY B 199 11.63 -2.94 -5.59
CA GLY B 199 12.96 -2.58 -5.98
C GLY B 199 13.40 -1.33 -5.23
N THR B 200 12.96 -0.18 -5.72
CA THR B 200 13.49 1.08 -5.24
C THR B 200 13.04 1.43 -3.85
N ALA B 201 11.86 0.95 -3.49
CA ALA B 201 11.27 1.30 -2.21
C ALA B 201 12.20 0.95 -1.04
N VAL B 202 13.13 0.02 -1.26
CA VAL B 202 14.10 -0.34 -0.22
C VAL B 202 15.52 0.09 -0.56
N ARG B 203 15.68 0.86 -1.63
CA ARG B 203 16.97 1.48 -1.91
C ARG B 203 17.05 2.85 -1.25
N GLU B 204 18.26 3.23 -0.86
CA GLU B 204 18.51 4.56 -0.31
C GLU B 204 18.07 5.60 -1.33
N GLY B 205 17.32 6.60 -0.87
CA GLY B 205 16.80 7.64 -1.74
C GLY B 205 15.93 7.06 -2.82
N LYS B 206 15.54 5.80 -2.61
CA LYS B 206 14.77 5.00 -3.55
C LYS B 206 15.40 5.00 -4.93
N SER B 207 16.74 4.96 -4.95
CA SER B 207 17.50 4.99 -6.20
C SER B 207 18.11 3.63 -6.55
N CYS B 208 17.89 3.16 -7.78
CA CYS B 208 18.41 1.85 -8.18
C CYS B 208 19.93 1.84 -8.23
N PHE B 209 20.53 3.02 -8.20
CA PHE B 209 21.98 3.10 -8.19
C PHE B 209 22.52 3.20 -6.79
N ALA B 210 21.60 3.28 -5.82
CA ALA B 210 21.97 3.29 -4.42
C ALA B 210 22.09 1.86 -3.90
N GLU B 211 22.51 1.73 -2.64
CA GLU B 211 22.63 0.41 -1.99
C GLU B 211 21.33 -0.01 -1.34
N ILE B 212 21.28 -1.25 -0.87
CA ILE B 212 20.13 -1.73 -0.14
C ILE B 212 20.25 -1.25 1.30
N ASP B 213 19.17 -0.62 1.77
CA ASP B 213 19.03 -0.21 3.16
C ASP B 213 18.32 -1.32 3.91
N LEU B 214 18.99 -1.91 4.89
CA LEU B 214 18.42 -3.02 5.61
C LEU B 214 17.20 -2.57 6.42
N ASN B 215 17.15 -1.29 6.75
CA ASN B 215 15.98 -0.73 7.43
C ASN B 215 14.72 -0.97 6.63
N LEU B 216 14.73 -0.45 5.40
CA LEU B 216 13.55 -0.41 4.57
C LEU B 216 13.06 -1.79 4.20
N VAL B 217 13.97 -2.76 4.15
CA VAL B 217 13.59 -4.09 3.75
C VAL B 217 12.77 -4.73 4.87
N GLN B 218 13.24 -4.62 6.10
CA GLN B 218 12.55 -5.28 7.20
C GLN B 218 11.18 -4.65 7.50
N GLU B 219 11.06 -3.37 7.17
CA GLU B 219 9.83 -2.63 7.42
C GLU B 219 8.65 -3.22 6.66
N LEU B 220 8.89 -3.64 5.41
CA LEU B 220 7.86 -4.27 4.59
C LEU B 220 7.62 -5.70 5.04
N VAL B 221 8.70 -6.40 5.37
CA VAL B 221 8.61 -7.77 5.85
C VAL B 221 7.70 -7.86 7.06
N GLN B 222 7.90 -6.94 8.00
CA GLN B 222 7.06 -6.91 9.18
C GLN B 222 5.65 -6.48 8.81
N ILE B 223 5.52 -5.54 7.88
CA ILE B 223 4.20 -5.18 7.39
C ILE B 223 3.53 -6.42 6.80
N ILE B 224 4.31 -7.22 6.08
CA ILE B 224 3.82 -8.48 5.53
C ILE B 224 3.41 -9.40 6.68
N GLN B 225 4.03 -9.20 7.84
CA GLN B 225 3.65 -9.93 9.05
C GLN B 225 2.73 -9.13 9.99
#